data_4GI3
#
_entry.id   4GI3
#
_cell.length_a   131.070
_cell.length_b   39.708
_cell.length_c   59.750
_cell.angle_alpha   90.00
_cell.angle_beta   98.05
_cell.angle_gamma   90.00
#
_symmetry.space_group_name_H-M   'C 1 2 1'
#
loop_
_entity.id
_entity.type
_entity.pdbx_description
1 polymer KerA
2 polymer Greglin
3 water water
#
loop_
_entity_poly.entity_id
_entity_poly.type
_entity_poly.pdbx_seq_one_letter_code
_entity_poly.pdbx_strand_id
1 'polypeptide(L)'
;MAQTVPYGIPLIKADKVQAQGFKGANVKVAVLDTGIQASHPDLNVVGGASFVAGEAYNTDGNGHGTHVAGTVAALDNTTG
VLGVAPSVSLYAVKVLNSSGSGSYSGIVSGIEWATTNGMDVINMSLGGASGSTAMKQAVDNAYARGVVVVAAAGNSGSSG
NTNTIGYPAKYDSVIAVGAVDSNSNRASFSSVGAELEVMAPGAGVYSTYPTNTYATLNGTSMASPHVAGAAALILSKHPN
LSASQVRNRLSSTATYLGSSFYYGKGLINVEAAAQ
;
A
2 'polypeptide(L)'
;SEDDGSASPESQEMSYTELPCPSICPLIYAPVCVEDSNQDFYLFVNECEVRKCGCEAGFVYTFVPREMCKATTSLCPMQT
KSS
;
C
#
# COMPACT_ATOMS: atom_id res chain seq x y z
N ALA A 2 10.55 -25.57 -0.29
CA ALA A 2 9.26 -25.36 0.34
C ALA A 2 8.78 -23.88 0.23
N GLN A 3 9.31 -23.13 -0.75
CA GLN A 3 8.95 -21.72 -0.92
C GLN A 3 7.51 -21.53 -1.36
N THR A 4 6.78 -20.64 -0.66
CA THR A 4 5.41 -20.27 -1.02
C THR A 4 5.40 -19.13 -2.04
N VAL A 5 4.65 -19.30 -3.15
CA VAL A 5 4.48 -18.23 -4.12
C VAL A 5 3.03 -17.74 -3.97
N PRO A 6 2.79 -16.55 -3.37
CA PRO A 6 1.40 -16.04 -3.25
C PRO A 6 0.80 -15.82 -4.64
N TYR A 7 -0.51 -16.05 -4.80
CA TYR A 7 -1.20 -15.93 -6.11
C TYR A 7 -0.89 -14.64 -6.88
N GLY A 8 -0.69 -13.55 -6.14
CA GLY A 8 -0.41 -12.24 -6.69
C GLY A 8 0.84 -12.18 -7.56
N ILE A 9 1.89 -12.98 -7.24
CA ILE A 9 3.16 -12.98 -7.98
C ILE A 9 2.96 -13.45 -9.45
N PRO A 10 2.38 -14.65 -9.70
CA PRO A 10 2.11 -15.05 -11.08
C PRO A 10 0.98 -14.21 -11.71
N LEU A 11 0.00 -13.71 -10.91
CA LEU A 11 -1.13 -12.93 -11.48
C LEU A 11 -0.66 -11.65 -12.17
N ILE A 12 0.30 -10.91 -11.56
CA ILE A 12 0.87 -9.69 -12.19
C ILE A 12 1.99 -9.99 -13.19
N LYS A 13 2.37 -11.28 -13.28
CA LYS A 13 3.39 -11.87 -14.14
C LYS A 13 4.80 -11.53 -13.68
N ALA A 14 4.98 -11.37 -12.36
CA ALA A 14 6.29 -11.05 -11.83
C ALA A 14 7.21 -12.24 -11.91
N ASP A 15 6.66 -13.47 -11.83
CA ASP A 15 7.46 -14.70 -11.98
C ASP A 15 8.11 -14.76 -13.39
N LYS A 16 7.37 -14.30 -14.43
CA LYS A 16 7.91 -14.25 -15.81
C LYS A 16 9.11 -13.31 -15.89
N VAL A 17 9.03 -12.14 -15.23
CA VAL A 17 10.14 -11.15 -15.24
C VAL A 17 11.32 -11.66 -14.41
N GLN A 18 11.06 -12.30 -13.25
CA GLN A 18 12.11 -12.86 -12.41
C GLN A 18 12.85 -13.98 -13.18
N ALA A 19 12.12 -14.76 -14.00
CA ALA A 19 12.71 -15.86 -14.82
C ALA A 19 13.64 -15.30 -15.90
N GLN A 20 13.40 -14.05 -16.33
CA GLN A 20 14.25 -13.32 -17.32
C GLN A 20 15.56 -12.86 -16.68
N GLY A 21 15.65 -12.96 -15.35
CA GLY A 21 16.81 -12.55 -14.57
C GLY A 21 16.68 -11.15 -13.97
N PHE A 22 15.48 -10.55 -13.98
CA PHE A 22 15.29 -9.19 -13.43
C PHE A 22 14.43 -9.30 -12.18
N LYS A 23 15.05 -9.01 -11.03
CA LYS A 23 14.50 -9.22 -9.70
C LYS A 23 14.55 -7.97 -8.79
N GLY A 24 14.91 -6.81 -9.37
CA GLY A 24 14.96 -5.54 -8.64
C GLY A 24 16.35 -5.14 -8.16
N ALA A 25 17.41 -5.85 -8.62
CA ALA A 25 18.78 -5.51 -8.24
C ALA A 25 19.12 -4.06 -8.56
N ASN A 26 19.85 -3.41 -7.64
CA ASN A 26 20.31 -2.02 -7.79
C ASN A 26 19.18 -1.00 -7.71
N VAL A 27 18.01 -1.43 -7.26
CA VAL A 27 16.84 -0.54 -7.12
C VAL A 27 16.57 -0.40 -5.63
N LYS A 28 16.31 0.85 -5.19
CA LYS A 28 16.06 1.17 -3.79
C LYS A 28 14.60 1.47 -3.59
N VAL A 29 13.92 0.68 -2.73
CA VAL A 29 12.48 0.89 -2.49
C VAL A 29 12.23 1.25 -1.01
N ALA A 30 11.46 2.32 -0.76
CA ALA A 30 11.14 2.69 0.63
C ALA A 30 9.70 2.38 0.93
N VAL A 31 9.47 1.63 2.01
CA VAL A 31 8.14 1.26 2.47
C VAL A 31 7.84 2.21 3.64
N LEU A 32 6.91 3.15 3.43
CA LEU A 32 6.55 4.18 4.45
C LEU A 32 5.37 3.61 5.18
N ASP A 33 5.63 3.09 6.39
CA ASP A 33 4.61 2.32 7.10
C ASP A 33 4.87 2.20 8.62
N THR A 34 4.45 1.09 9.25
CA THR A 34 4.60 0.85 10.70
C THR A 34 6.00 0.31 11.04
N GLY A 35 6.91 0.38 10.06
CA GLY A 35 8.26 -0.17 10.20
C GLY A 35 8.32 -1.55 9.57
N ILE A 36 9.43 -2.26 9.73
CA ILE A 36 9.58 -3.60 9.17
C ILE A 36 10.32 -4.43 10.17
N GLN A 37 9.88 -5.68 10.41
CA GLN A 37 10.59 -6.57 11.31
C GLN A 37 11.83 -7.04 10.55
N ALA A 38 12.93 -6.29 10.69
CA ALA A 38 14.19 -6.58 9.98
C ALA A 38 14.79 -7.96 10.31
N SER A 39 14.51 -8.47 11.52
CA SER A 39 14.98 -9.79 11.96
C SER A 39 14.19 -10.93 11.29
N HIS A 40 13.14 -10.62 10.50
CA HIS A 40 12.40 -11.70 9.82
C HIS A 40 13.36 -12.41 8.82
N PRO A 41 13.45 -13.76 8.82
CA PRO A 41 14.35 -14.44 7.87
C PRO A 41 14.15 -14.13 6.37
N ASP A 42 12.92 -13.79 5.98
CA ASP A 42 12.60 -13.52 4.56
C ASP A 42 12.75 -12.08 4.14
N LEU A 43 13.29 -11.20 5.02
CA LEU A 43 13.39 -9.79 4.67
C LEU A 43 14.76 -9.26 4.97
N ASN A 44 15.38 -8.55 4.00
CA ASN A 44 16.68 -7.88 4.19
C ASN A 44 16.44 -6.38 4.14
N VAL A 45 16.45 -5.74 5.28
CA VAL A 45 16.22 -4.28 5.40
C VAL A 45 17.60 -3.66 5.43
N VAL A 46 17.93 -2.85 4.43
CA VAL A 46 19.29 -2.30 4.35
C VAL A 46 19.46 -0.85 4.81
N GLY A 47 18.38 -0.26 5.29
CA GLY A 47 18.41 1.10 5.81
C GLY A 47 17.01 1.62 6.05
N GLY A 48 16.91 2.91 6.28
CA GLY A 48 15.64 3.54 6.58
C GLY A 48 15.78 4.60 7.65
N ALA A 49 14.63 5.03 8.17
CA ALA A 49 14.57 6.04 9.20
C ALA A 49 13.22 5.98 9.89
N SER A 50 13.18 6.40 11.16
CA SER A 50 11.94 6.45 11.92
C SER A 50 11.57 7.90 12.25
N PHE A 51 10.32 8.25 11.95
CA PHE A 51 9.73 9.54 12.27
C PHE A 51 8.63 9.39 13.34
N VAL A 52 8.66 8.27 14.07
CA VAL A 52 7.76 7.92 15.16
C VAL A 52 8.60 7.93 16.45
N ALA A 53 8.32 8.89 17.35
CA ALA A 53 9.12 9.00 18.58
C ALA A 53 9.15 7.72 19.40
N GLY A 54 10.33 7.41 19.95
CA GLY A 54 10.53 6.24 20.79
C GLY A 54 10.67 4.89 20.11
N GLU A 55 10.43 4.80 18.77
CA GLU A 55 10.51 3.53 18.00
C GLU A 55 11.61 3.61 16.94
N ALA A 56 12.41 2.52 16.78
CA ALA A 56 13.47 2.47 15.75
C ALA A 56 12.82 2.03 14.41
N TYR A 57 13.44 2.35 13.25
CA TYR A 57 12.83 1.99 11.96
C TYR A 57 12.79 0.49 11.67
N ASN A 58 13.73 -0.26 12.28
CA ASN A 58 13.88 -1.70 11.99
C ASN A 58 13.08 -2.65 12.86
N THR A 59 12.03 -2.14 13.51
CA THR A 59 11.13 -2.95 14.32
C THR A 59 9.73 -2.63 13.83
N ASP A 60 8.79 -3.56 14.04
CA ASP A 60 7.40 -3.34 13.63
C ASP A 60 6.51 -3.95 14.71
N GLY A 61 5.96 -3.07 15.54
CA GLY A 61 5.06 -3.48 16.60
C GLY A 61 3.62 -3.67 16.14
N ASN A 62 3.34 -3.40 14.82
CA ASN A 62 1.98 -3.52 14.29
C ASN A 62 1.77 -4.74 13.39
N GLY A 63 2.67 -4.95 12.43
CA GLY A 63 2.55 -6.06 11.51
C GLY A 63 2.32 -5.63 10.08
N HIS A 64 1.56 -4.54 9.89
CA HIS A 64 1.17 -3.99 8.58
C HIS A 64 2.38 -3.74 7.66
N GLY A 65 3.36 -2.98 8.16
CA GLY A 65 4.55 -2.64 7.39
C GLY A 65 5.38 -3.83 6.95
N THR A 66 5.48 -4.86 7.82
CA THR A 66 6.20 -6.11 7.53
C THR A 66 5.50 -6.85 6.40
N HIS A 67 4.16 -6.86 6.42
CA HIS A 67 3.34 -7.55 5.42
C HIS A 67 3.52 -6.85 4.06
N VAL A 68 3.41 -5.54 4.06
CA VAL A 68 3.58 -4.71 2.83
C VAL A 68 4.97 -4.91 2.23
N ALA A 69 6.02 -4.87 3.09
CA ALA A 69 7.42 -5.07 2.68
C ALA A 69 7.63 -6.46 2.06
N GLY A 70 6.98 -7.48 2.64
CA GLY A 70 7.07 -8.84 2.15
C GLY A 70 6.54 -8.97 0.74
N THR A 71 5.46 -8.26 0.44
CA THR A 71 4.90 -8.29 -0.91
C THR A 71 5.89 -7.69 -1.94
N VAL A 72 6.51 -6.58 -1.55
CA VAL A 72 7.53 -5.95 -2.40
C VAL A 72 8.76 -6.81 -2.57
N ALA A 73 9.29 -7.34 -1.45
CA ALA A 73 10.64 -7.82 -1.36
C ALA A 73 10.96 -9.10 -0.61
N ALA A 74 9.95 -9.96 -0.25
CA ALA A 74 10.32 -11.21 0.43
C ALA A 74 11.35 -12.00 -0.40
N LEU A 75 12.42 -12.47 0.27
CA LEU A 75 13.55 -13.12 -0.37
C LEU A 75 13.25 -14.38 -1.14
N ASP A 76 14.00 -14.58 -2.21
CA ASP A 76 13.91 -15.79 -3.01
C ASP A 76 14.88 -16.78 -2.33
N ASN A 77 14.31 -17.62 -1.45
CA ASN A 77 15.01 -18.67 -0.72
C ASN A 77 14.21 -19.99 -0.85
N THR A 78 14.67 -21.10 -0.31
CA THR A 78 13.89 -22.34 -0.47
C THR A 78 12.79 -22.49 0.60
N THR A 79 12.62 -21.45 1.43
CA THR A 79 11.61 -21.44 2.49
C THR A 79 10.86 -20.14 2.45
N GLY A 80 9.89 -20.03 3.35
CA GLY A 80 9.09 -18.83 3.47
C GLY A 80 8.28 -18.46 2.25
N VAL A 81 8.18 -17.16 1.99
CA VAL A 81 7.35 -16.59 0.94
C VAL A 81 8.24 -15.81 -0.04
N LEU A 82 7.76 -15.64 -1.28
CA LEU A 82 8.50 -14.89 -2.32
C LEU A 82 7.83 -13.56 -2.61
N GLY A 83 8.61 -12.49 -2.75
CA GLY A 83 8.10 -11.17 -3.06
C GLY A 83 8.19 -10.85 -4.53
N VAL A 84 7.62 -9.69 -4.93
CA VAL A 84 7.60 -9.27 -6.35
C VAL A 84 9.03 -8.99 -6.86
N ALA A 85 9.85 -8.29 -6.05
CA ALA A 85 11.17 -7.87 -6.49
C ALA A 85 12.17 -8.31 -5.39
N PRO A 86 12.51 -9.63 -5.35
CA PRO A 86 13.32 -10.13 -4.22
C PRO A 86 14.75 -9.65 -4.09
N SER A 87 15.34 -9.02 -5.14
CA SER A 87 16.71 -8.52 -5.04
C SER A 87 16.73 -7.01 -4.78
N VAL A 88 15.56 -6.38 -4.52
CA VAL A 88 15.57 -4.94 -4.22
C VAL A 88 16.33 -4.62 -2.95
N SER A 89 16.82 -3.37 -2.86
CA SER A 89 17.41 -2.86 -1.61
C SER A 89 16.20 -2.24 -0.90
N LEU A 90 15.76 -2.84 0.20
CA LEU A 90 14.57 -2.47 0.95
C LEU A 90 14.85 -1.53 2.11
N TYR A 91 14.09 -0.42 2.17
CA TYR A 91 14.29 0.59 3.22
C TYR A 91 13.00 0.75 4.01
N ALA A 92 13.11 0.69 5.35
CA ALA A 92 11.96 0.85 6.23
C ALA A 92 11.89 2.30 6.65
N VAL A 93 10.82 2.99 6.27
CA VAL A 93 10.63 4.39 6.71
C VAL A 93 9.40 4.39 7.62
N LYS A 94 9.66 4.40 8.92
CA LYS A 94 8.60 4.32 9.92
C LYS A 94 7.89 5.67 10.11
N VAL A 95 6.65 5.74 9.62
CA VAL A 95 5.83 6.94 9.68
C VAL A 95 4.53 6.68 10.46
N LEU A 96 4.25 5.40 10.73
CA LEU A 96 3.07 4.98 11.48
C LEU A 96 3.50 4.32 12.79
N ASN A 97 2.75 4.57 13.90
CA ASN A 97 3.12 3.91 15.16
C ASN A 97 2.59 2.46 15.22
N SER A 98 2.90 1.75 16.33
CA SER A 98 2.52 0.34 16.51
C SER A 98 0.99 0.11 16.50
N SER A 99 0.20 1.16 16.67
CA SER A 99 -1.23 1.02 16.60
C SER A 99 -1.73 1.26 15.16
N GLY A 100 -0.81 1.69 14.27
CA GLY A 100 -1.13 1.96 12.86
C GLY A 100 -1.37 3.42 12.53
N SER A 101 -1.50 4.26 13.55
CA SER A 101 -1.79 5.67 13.36
C SER A 101 -0.59 6.56 13.01
N GLY A 102 -0.83 7.57 12.19
CA GLY A 102 0.22 8.51 11.77
C GLY A 102 -0.26 9.95 11.65
N SER A 103 0.69 10.88 11.74
CA SER A 103 0.45 12.33 11.60
C SER A 103 0.88 12.77 10.21
N TYR A 104 0.37 13.94 9.72
CA TYR A 104 0.80 14.48 8.42
C TYR A 104 2.29 14.80 8.42
N SER A 105 2.82 15.35 9.53
CA SER A 105 4.24 15.70 9.65
C SER A 105 5.13 14.47 9.58
N GLY A 106 4.65 13.35 10.15
CA GLY A 106 5.35 12.08 10.13
C GLY A 106 5.46 11.55 8.71
N ILE A 107 4.33 11.55 7.96
CA ILE A 107 4.31 11.07 6.58
C ILE A 107 5.14 11.99 5.69
N VAL A 108 5.06 13.33 5.91
CA VAL A 108 5.86 14.29 5.14
C VAL A 108 7.33 14.03 5.37
N SER A 109 7.74 13.89 6.65
CA SER A 109 9.14 13.62 6.98
C SER A 109 9.70 12.38 6.31
N GLY A 110 8.88 11.33 6.22
CA GLY A 110 9.27 10.09 5.57
C GLY A 110 9.39 10.25 4.08
N ILE A 111 8.43 10.95 3.45
CA ILE A 111 8.47 11.20 2.00
C ILE A 111 9.76 11.96 1.66
N GLU A 112 10.06 13.03 2.42
CA GLU A 112 11.25 13.85 2.23
C GLU A 112 12.52 13.04 2.43
N TRP A 113 12.56 12.18 3.45
CA TRP A 113 13.73 11.34 3.72
C TRP A 113 13.99 10.44 2.49
N ALA A 114 12.93 9.81 1.97
CA ALA A 114 13.08 8.91 0.81
C ALA A 114 13.61 9.66 -0.42
N THR A 115 13.09 10.88 -0.62
CA THR A 115 13.48 11.74 -1.76
C THR A 115 14.94 12.13 -1.67
N THR A 116 15.37 12.57 -0.49
CA THR A 116 16.74 13.02 -0.17
C THR A 116 17.72 11.86 -0.19
N ASN A 117 17.27 10.65 0.17
CA ASN A 117 18.16 9.50 0.30
C ASN A 117 18.26 8.56 -0.89
N GLY A 118 17.90 9.06 -2.06
CA GLY A 118 18.03 8.34 -3.31
C GLY A 118 17.14 7.14 -3.54
N MET A 119 15.93 7.13 -2.93
CA MET A 119 14.98 6.04 -3.17
C MET A 119 14.52 6.13 -4.61
N ASP A 120 14.33 4.99 -5.28
CA ASP A 120 13.83 4.95 -6.65
C ASP A 120 12.31 4.84 -6.64
N VAL A 121 11.76 4.20 -5.58
CA VAL A 121 10.32 3.93 -5.46
C VAL A 121 9.91 4.20 -4.02
N ILE A 122 8.70 4.74 -3.84
CA ILE A 122 8.08 4.95 -2.53
C ILE A 122 6.75 4.20 -2.53
N ASN A 123 6.50 3.38 -1.48
CA ASN A 123 5.20 2.75 -1.30
C ASN A 123 4.52 3.36 -0.08
N MET A 124 3.25 3.77 -0.25
CA MET A 124 2.47 4.29 0.87
C MET A 124 1.14 3.56 0.96
N SER A 125 1.10 2.49 1.75
CA SER A 125 -0.12 1.71 1.99
C SER A 125 -0.90 2.35 3.14
N LEU A 126 -1.29 3.60 2.93
CA LEU A 126 -1.91 4.41 3.98
C LEU A 126 -2.66 5.54 3.35
N GLY A 127 -3.59 6.10 4.10
CA GLY A 127 -4.33 7.23 3.58
C GLY A 127 -5.23 7.92 4.59
N GLY A 128 -5.84 8.99 4.10
CA GLY A 128 -6.78 9.82 4.84
C GLY A 128 -7.80 10.39 3.87
N ALA A 129 -8.93 10.89 4.41
CA ALA A 129 -10.00 11.48 3.60
C ALA A 129 -9.52 12.76 2.93
N SER A 130 -8.66 13.51 3.62
CA SER A 130 -8.06 14.74 3.13
C SER A 130 -6.52 14.69 3.20
N GLY A 131 -5.89 15.45 2.33
CA GLY A 131 -4.44 15.58 2.34
C GLY A 131 -4.05 16.82 3.09
N SER A 132 -2.96 17.46 2.67
CA SER A 132 -2.46 18.70 3.25
C SER A 132 -1.51 19.34 2.27
N THR A 133 -1.27 20.66 2.42
CA THR A 133 -0.37 21.43 1.54
C THR A 133 1.05 20.85 1.58
N ALA A 134 1.54 20.52 2.79
CA ALA A 134 2.87 19.93 2.98
C ALA A 134 2.99 18.53 2.36
N MET A 135 1.90 17.72 2.43
CA MET A 135 1.93 16.38 1.82
C MET A 135 1.96 16.47 0.31
N LYS A 136 1.14 17.36 -0.28
CA LYS A 136 1.10 17.54 -1.73
C LYS A 136 2.48 18.00 -2.20
N GLN A 137 3.09 18.97 -1.48
CA GLN A 137 4.43 19.47 -1.83
C GLN A 137 5.45 18.32 -1.79
N ALA A 138 5.38 17.48 -0.70
CA ALA A 138 6.31 16.35 -0.51
C ALA A 138 6.25 15.34 -1.66
N VAL A 139 5.02 14.88 -2.05
CA VAL A 139 4.86 13.92 -3.17
C VAL A 139 5.24 14.57 -4.53
N ASP A 140 4.91 15.88 -4.74
CA ASP A 140 5.27 16.59 -5.97
C ASP A 140 6.79 16.65 -6.11
N ASN A 141 7.51 16.98 -5.01
CA ASN A 141 8.98 17.01 -4.98
C ASN A 141 9.58 15.65 -5.25
N ALA A 142 9.03 14.58 -4.61
CA ALA A 142 9.52 13.21 -4.79
C ALA A 142 9.42 12.79 -6.26
N TYR A 143 8.24 12.98 -6.87
CA TYR A 143 7.98 12.64 -8.27
C TYR A 143 8.83 13.49 -9.23
N ALA A 144 8.98 14.80 -8.94
CA ALA A 144 9.77 15.69 -9.78
C ALA A 144 11.26 15.29 -9.74
N ARG A 145 11.76 14.83 -8.57
CA ARG A 145 13.13 14.34 -8.38
C ARG A 145 13.36 13.04 -9.18
N GLY A 146 12.29 12.30 -9.47
CA GLY A 146 12.38 11.08 -10.25
C GLY A 146 12.06 9.83 -9.47
N VAL A 147 11.25 9.96 -8.40
CA VAL A 147 10.82 8.81 -7.60
C VAL A 147 9.46 8.33 -8.13
N VAL A 148 9.30 6.99 -8.28
CA VAL A 148 8.01 6.40 -8.67
C VAL A 148 7.23 6.34 -7.30
N VAL A 149 6.19 7.16 -7.16
CA VAL A 149 5.40 7.24 -5.93
C VAL A 149 4.10 6.46 -6.10
N VAL A 150 3.93 5.41 -5.24
CA VAL A 150 2.80 4.47 -5.28
C VAL A 150 2.01 4.51 -3.97
N ALA A 151 0.65 4.52 -4.05
CA ALA A 151 -0.19 4.49 -2.84
C ALA A 151 -1.44 3.68 -3.02
N ALA A 152 -1.96 3.13 -1.90
CA ALA A 152 -3.21 2.39 -1.89
C ALA A 152 -4.32 3.41 -2.20
N ALA A 153 -5.28 3.08 -3.09
CA ALA A 153 -6.35 4.01 -3.47
C ALA A 153 -7.29 4.34 -2.32
N GLY A 154 -7.53 3.35 -1.46
CA GLY A 154 -8.51 3.45 -0.40
C GLY A 154 -9.42 2.24 -0.35
N ASN A 155 -10.10 2.02 0.79
CA ASN A 155 -10.97 0.88 1.01
C ASN A 155 -12.42 1.30 1.26
N SER A 156 -12.83 2.41 0.66
CA SER A 156 -14.16 2.96 0.92
C SER A 156 -15.28 2.46 -0.03
N GLY A 157 -14.92 1.58 -0.95
CA GLY A 157 -15.84 0.96 -1.89
C GLY A 157 -16.50 1.95 -2.84
N SER A 158 -17.70 1.61 -3.31
CA SER A 158 -18.48 2.44 -4.24
C SER A 158 -19.84 2.82 -3.66
N SER A 159 -20.29 4.04 -3.99
CA SER A 159 -21.56 4.59 -3.55
C SER A 159 -22.10 5.44 -4.71
N GLY A 160 -22.62 4.75 -5.72
CA GLY A 160 -23.15 5.36 -6.93
C GLY A 160 -22.05 5.93 -7.79
N ASN A 161 -22.01 7.27 -7.90
CA ASN A 161 -21.05 8.00 -8.73
C ASN A 161 -20.03 8.74 -7.87
N THR A 162 -20.10 8.56 -6.53
CA THR A 162 -19.20 9.20 -5.56
C THR A 162 -17.75 8.73 -5.73
N ASN A 163 -16.82 9.68 -5.76
CA ASN A 163 -15.39 9.40 -5.83
C ASN A 163 -14.96 9.09 -4.39
N THR A 164 -14.40 7.90 -4.15
CA THR A 164 -14.00 7.49 -2.79
C THR A 164 -12.47 7.37 -2.61
N ILE A 165 -11.68 7.92 -3.54
CA ILE A 165 -10.20 7.88 -3.47
C ILE A 165 -9.76 8.83 -2.37
N GLY A 166 -8.84 8.36 -1.53
CA GLY A 166 -8.29 9.20 -0.47
C GLY A 166 -6.93 9.74 -0.86
N TYR A 167 -6.27 10.40 0.09
CA TYR A 167 -4.94 11.00 -0.08
C TYR A 167 -3.91 10.16 0.69
N PRO A 168 -2.65 10.02 0.21
CA PRO A 168 -2.02 10.71 -0.95
C PRO A 168 -2.35 10.16 -2.33
N ALA A 169 -3.07 9.02 -2.43
CA ALA A 169 -3.37 8.37 -3.71
C ALA A 169 -4.01 9.33 -4.74
N LYS A 170 -4.89 10.24 -4.27
CA LYS A 170 -5.59 11.21 -5.11
C LYS A 170 -4.68 12.25 -5.76
N TYR A 171 -3.44 12.43 -5.26
CA TYR A 171 -2.52 13.39 -5.86
C TYR A 171 -2.03 12.94 -7.23
N ASP A 172 -1.95 13.90 -8.16
CA ASP A 172 -1.47 13.65 -9.51
C ASP A 172 -0.09 13.00 -9.54
N SER A 173 0.79 13.37 -8.58
CA SER A 173 2.15 12.82 -8.52
C SER A 173 2.23 11.38 -8.04
N VAL A 174 1.08 10.81 -7.60
CA VAL A 174 1.04 9.48 -7.01
C VAL A 174 0.21 8.48 -7.82
N ILE A 175 0.71 7.24 -7.96
CA ILE A 175 -0.07 6.20 -8.61
C ILE A 175 -1.10 5.66 -7.58
N ALA A 176 -2.42 5.86 -7.86
CA ALA A 176 -3.50 5.32 -6.99
C ALA A 176 -3.77 3.86 -7.39
N VAL A 177 -3.61 2.93 -6.45
CA VAL A 177 -3.75 1.51 -6.76
C VAL A 177 -4.99 0.90 -6.11
N GLY A 178 -5.87 0.33 -6.92
CA GLY A 178 -7.06 -0.37 -6.44
C GLY A 178 -6.80 -1.85 -6.29
N ALA A 179 -7.77 -2.62 -5.73
CA ALA A 179 -7.57 -4.04 -5.45
C ALA A 179 -8.47 -5.00 -6.22
N VAL A 180 -7.86 -6.10 -6.66
CA VAL A 180 -8.52 -7.23 -7.31
C VAL A 180 -8.26 -8.51 -6.49
N ASP A 181 -9.07 -9.53 -6.72
CA ASP A 181 -8.87 -10.83 -6.06
C ASP A 181 -8.16 -11.81 -7.00
N SER A 182 -8.11 -13.09 -6.62
CA SER A 182 -7.42 -14.11 -7.39
C SER A 182 -8.08 -14.45 -8.72
N ASN A 183 -9.33 -14.03 -8.92
CA ASN A 183 -10.05 -14.25 -10.18
C ASN A 183 -10.01 -12.96 -11.01
N SER A 184 -9.15 -11.99 -10.63
CA SER A 184 -9.00 -10.67 -11.28
C SER A 184 -10.29 -9.84 -11.24
N ASN A 185 -11.15 -10.08 -10.25
CA ASN A 185 -12.37 -9.28 -10.08
C ASN A 185 -12.10 -8.22 -9.05
N ARG A 186 -12.66 -7.02 -9.24
CA ARG A 186 -12.53 -5.92 -8.29
C ARG A 186 -13.03 -6.37 -6.90
N ALA A 187 -12.28 -6.02 -5.84
CA ALA A 187 -12.68 -6.28 -4.45
C ALA A 187 -13.75 -5.24 -4.14
N SER A 188 -14.85 -5.60 -3.43
CA SER A 188 -15.93 -4.63 -3.14
C SER A 188 -15.48 -3.44 -2.36
N PHE A 189 -14.47 -3.62 -1.49
CA PHE A 189 -13.97 -2.52 -0.70
C PHE A 189 -13.10 -1.52 -1.49
N SER A 190 -12.61 -1.91 -2.68
CA SER A 190 -11.68 -1.09 -3.46
C SER A 190 -12.28 0.27 -3.82
N SER A 191 -11.62 1.37 -3.44
CA SER A 191 -12.09 2.73 -3.74
C SER A 191 -12.16 2.98 -5.28
N VAL A 192 -13.06 3.87 -5.67
CA VAL A 192 -13.36 4.22 -7.06
C VAL A 192 -13.23 5.74 -7.29
N GLY A 193 -13.03 6.14 -8.54
CA GLY A 193 -12.91 7.56 -8.86
C GLY A 193 -12.06 7.81 -10.06
N ALA A 194 -12.03 9.06 -10.50
CA ALA A 194 -11.25 9.47 -11.68
C ALA A 194 -9.75 9.23 -11.49
N GLU A 195 -9.24 9.44 -10.26
CA GLU A 195 -7.81 9.24 -9.95
C GLU A 195 -7.33 7.80 -9.89
N LEU A 196 -8.27 6.80 -9.88
CA LEU A 196 -7.88 5.40 -9.86
C LEU A 196 -7.02 5.10 -11.09
N GLU A 197 -5.79 4.60 -10.88
CA GLU A 197 -4.84 4.46 -11.98
C GLU A 197 -4.66 3.04 -12.50
N VAL A 198 -4.36 2.09 -11.60
CA VAL A 198 -4.19 0.68 -11.92
C VAL A 198 -4.76 -0.17 -10.76
N MET A 199 -4.84 -1.49 -10.99
CA MET A 199 -5.26 -2.49 -10.03
C MET A 199 -4.15 -3.50 -9.80
N ALA A 200 -4.11 -4.07 -8.58
CA ALA A 200 -3.18 -5.16 -8.28
C ALA A 200 -3.82 -6.07 -7.19
N PRO A 201 -3.30 -7.28 -6.96
CA PRO A 201 -3.91 -8.19 -5.94
C PRO A 201 -4.01 -7.57 -4.53
N GLY A 202 -5.23 -7.53 -3.99
CA GLY A 202 -5.47 -6.96 -2.66
C GLY A 202 -6.40 -7.75 -1.75
N ALA A 203 -6.86 -8.91 -2.20
CA ALA A 203 -7.74 -9.80 -1.41
C ALA A 203 -7.03 -11.11 -1.12
N GLY A 204 -6.94 -11.44 0.16
CA GLY A 204 -6.31 -12.68 0.63
C GLY A 204 -4.84 -12.77 0.25
N VAL A 205 -4.11 -11.66 0.47
CA VAL A 205 -2.68 -11.62 0.12
C VAL A 205 -1.87 -12.17 1.28
N TYR A 206 -1.12 -13.25 1.02
CA TYR A 206 -0.28 -13.93 1.98
C TYR A 206 1.12 -13.33 1.92
N SER A 207 1.65 -12.87 3.06
CA SER A 207 2.98 -12.26 3.11
C SER A 207 3.62 -12.43 4.49
N THR A 208 4.81 -11.87 4.65
CA THR A 208 5.53 -11.87 5.92
C THR A 208 4.75 -11.12 7.01
N TYR A 209 4.94 -11.52 8.27
CA TYR A 209 4.24 -10.89 9.38
C TYR A 209 5.02 -11.19 10.66
N PRO A 210 5.13 -10.24 11.62
CA PRO A 210 5.91 -10.51 12.84
C PRO A 210 5.22 -11.56 13.72
N THR A 211 5.97 -12.36 14.49
CA THR A 211 7.44 -12.39 14.51
C THR A 211 7.85 -13.65 13.76
N ASN A 212 8.62 -13.47 12.67
CA ASN A 212 9.13 -14.57 11.84
C ASN A 212 8.03 -15.45 11.24
N THR A 213 6.81 -14.89 11.10
CA THR A 213 5.69 -15.65 10.58
C THR A 213 5.10 -15.02 9.31
N TYR A 214 3.85 -15.35 9.03
CA TYR A 214 3.13 -14.96 7.83
C TYR A 214 1.67 -14.72 8.16
N ALA A 215 0.96 -13.96 7.31
CA ALA A 215 -0.45 -13.68 7.50
C ALA A 215 -1.11 -13.39 6.18
N THR A 216 -2.42 -13.60 6.13
CA THR A 216 -3.25 -13.35 4.95
C THR A 216 -4.11 -12.14 5.26
N LEU A 217 -3.88 -11.05 4.49
CA LEU A 217 -4.60 -9.80 4.71
C LEU A 217 -5.33 -9.29 3.47
N ASN A 218 -6.26 -8.38 3.73
CA ASN A 218 -7.08 -7.75 2.72
C ASN A 218 -6.91 -6.25 2.74
N GLY A 219 -6.90 -5.65 1.55
CA GLY A 219 -6.82 -4.21 1.48
C GLY A 219 -6.09 -3.69 0.28
N THR A 220 -6.35 -2.40 -0.04
CA THR A 220 -5.58 -1.72 -1.08
C THR A 220 -4.14 -1.54 -0.59
N SER A 221 -3.90 -1.64 0.75
CA SER A 221 -2.56 -1.68 1.35
C SER A 221 -1.76 -2.85 0.78
N MET A 222 -2.43 -3.98 0.47
CA MET A 222 -1.80 -5.18 -0.09
C MET A 222 -1.56 -5.05 -1.60
N ALA A 223 -2.40 -4.26 -2.29
CA ALA A 223 -2.32 -4.05 -3.74
C ALA A 223 -1.15 -3.12 -4.10
N SER A 224 -1.05 -1.98 -3.38
CA SER A 224 0.00 -0.97 -3.57
C SER A 224 1.44 -1.55 -3.69
N PRO A 225 1.91 -2.43 -2.75
CA PRO A 225 3.27 -3.00 -2.87
C PRO A 225 3.52 -3.84 -4.11
N HIS A 226 2.48 -4.43 -4.72
CA HIS A 226 2.67 -5.21 -5.95
C HIS A 226 3.11 -4.24 -7.05
N VAL A 227 2.58 -3.00 -7.05
CA VAL A 227 2.90 -1.98 -8.06
C VAL A 227 4.28 -1.40 -7.76
N ALA A 228 4.57 -1.11 -6.48
CA ALA A 228 5.91 -0.63 -6.06
C ALA A 228 6.96 -1.66 -6.48
N GLY A 229 6.71 -2.95 -6.18
CA GLY A 229 7.59 -4.03 -6.60
C GLY A 229 7.74 -4.12 -8.12
N ALA A 230 6.62 -3.96 -8.87
CA ALA A 230 6.61 -4.02 -10.36
C ALA A 230 7.51 -2.86 -10.88
N ALA A 231 7.39 -1.63 -10.29
CA ALA A 231 8.23 -0.48 -10.68
C ALA A 231 9.72 -0.85 -10.52
N ALA A 232 10.05 -1.52 -9.41
CA ALA A 232 11.41 -1.93 -9.16
C ALA A 232 11.91 -2.98 -10.18
N LEU A 233 11.04 -3.96 -10.60
CA LEU A 233 11.45 -4.95 -11.61
C LEU A 233 11.76 -4.23 -12.93
N ILE A 234 10.87 -3.29 -13.33
CA ILE A 234 11.04 -2.51 -14.57
C ILE A 234 12.39 -1.79 -14.54
N LEU A 235 12.68 -1.07 -13.43
CA LEU A 235 13.91 -0.32 -13.21
C LEU A 235 15.16 -1.19 -13.15
N SER A 236 15.07 -2.46 -12.67
CA SER A 236 16.24 -3.33 -12.67
C SER A 236 16.55 -3.77 -14.12
N LYS A 237 15.53 -3.82 -14.98
CA LYS A 237 15.71 -4.19 -16.40
C LYS A 237 16.13 -2.97 -17.24
N HIS A 238 15.45 -1.82 -17.04
CA HIS A 238 15.70 -0.61 -17.78
C HIS A 238 16.15 0.49 -16.79
N PRO A 239 17.42 0.48 -16.32
CA PRO A 239 17.81 1.45 -15.25
C PRO A 239 17.84 2.93 -15.58
N ASN A 240 17.77 3.28 -16.87
CA ASN A 240 17.83 4.65 -17.33
C ASN A 240 16.47 5.31 -17.49
N LEU A 241 15.35 4.58 -17.24
CA LEU A 241 14.04 5.17 -17.39
C LEU A 241 13.76 6.20 -16.30
N SER A 242 12.97 7.22 -16.65
CA SER A 242 12.53 8.24 -15.69
C SER A 242 11.32 7.66 -14.91
N ALA A 243 10.96 8.28 -13.76
CA ALA A 243 9.79 7.87 -12.98
C ALA A 243 8.52 7.88 -13.84
N SER A 244 8.37 8.92 -14.71
CA SER A 244 7.24 9.10 -15.61
C SER A 244 7.17 7.94 -16.59
N GLN A 245 8.33 7.51 -17.12
CA GLN A 245 8.43 6.42 -18.08
C GLN A 245 8.00 5.06 -17.46
N VAL A 246 8.41 4.80 -16.22
CA VAL A 246 8.03 3.58 -15.47
C VAL A 246 6.51 3.61 -15.24
N ARG A 247 6.00 4.77 -14.77
CA ARG A 247 4.59 5.00 -14.52
C ARG A 247 3.74 4.75 -15.77
N ASN A 248 4.18 5.27 -16.95
CA ASN A 248 3.47 5.04 -18.21
C ASN A 248 3.57 3.61 -18.67
N ARG A 249 4.69 2.95 -18.38
CA ARG A 249 4.81 1.54 -18.73
C ARG A 249 3.80 0.70 -17.94
N LEU A 250 3.58 1.04 -16.67
CA LEU A 250 2.64 0.27 -15.84
C LEU A 250 1.19 0.49 -16.27
N SER A 251 0.80 1.76 -16.51
CA SER A 251 -0.58 2.03 -16.90
C SER A 251 -0.90 1.59 -18.34
N SER A 252 0.00 1.86 -19.33
CA SER A 252 -0.26 1.52 -20.75
C SER A 252 -0.32 0.02 -21.10
N THR A 253 0.32 -0.84 -20.29
CA THR A 253 0.36 -2.28 -20.54
C THR A 253 -0.59 -3.05 -19.61
N ALA A 254 -1.38 -2.34 -18.80
CA ALA A 254 -2.30 -3.02 -17.87
C ALA A 254 -3.39 -3.81 -18.60
N THR A 255 -3.83 -4.94 -18.02
CA THR A 255 -4.86 -5.82 -18.55
C THR A 255 -6.19 -5.14 -18.32
N TYR A 256 -6.88 -4.75 -19.41
CA TYR A 256 -8.18 -4.09 -19.34
C TYR A 256 -9.19 -5.00 -18.65
N LEU A 257 -9.92 -4.46 -17.65
CA LEU A 257 -10.91 -5.22 -16.89
C LEU A 257 -12.34 -4.61 -16.92
N GLY A 258 -12.45 -3.39 -17.36
CA GLY A 258 -13.71 -2.67 -17.39
C GLY A 258 -13.49 -1.18 -17.18
N SER A 259 -14.58 -0.46 -16.92
CA SER A 259 -14.60 0.99 -16.72
C SER A 259 -13.50 1.48 -15.80
N SER A 260 -12.83 2.54 -16.23
CA SER A 260 -11.74 3.21 -15.56
C SER A 260 -12.13 3.72 -14.16
N PHE A 261 -13.41 4.02 -13.97
CA PHE A 261 -13.94 4.49 -12.70
C PHE A 261 -13.73 3.43 -11.61
N TYR A 262 -13.93 2.16 -11.97
CA TYR A 262 -13.84 1.00 -11.07
C TYR A 262 -12.50 0.30 -11.11
N TYR A 263 -11.76 0.39 -12.25
CA TYR A 263 -10.50 -0.33 -12.44
C TYR A 263 -9.29 0.47 -12.91
N GLY A 264 -9.43 1.77 -13.12
CA GLY A 264 -8.34 2.55 -13.71
C GLY A 264 -8.04 1.96 -15.08
N LYS A 265 -6.75 1.82 -15.40
CA LYS A 265 -6.31 1.18 -16.66
C LYS A 265 -6.44 -0.34 -16.63
N GLY A 266 -6.64 -0.91 -15.44
CA GLY A 266 -6.76 -2.36 -15.31
C GLY A 266 -5.69 -2.96 -14.42
N LEU A 267 -5.53 -4.27 -14.52
CA LEU A 267 -4.61 -5.03 -13.70
C LEU A 267 -3.20 -4.93 -14.26
N ILE A 268 -2.21 -4.57 -13.41
CA ILE A 268 -0.82 -4.50 -13.88
C ILE A 268 -0.31 -5.84 -14.40
N ASN A 269 0.51 -5.78 -15.45
CA ASN A 269 1.16 -6.89 -16.11
C ASN A 269 2.60 -6.43 -16.28
N VAL A 270 3.47 -6.81 -15.34
CA VAL A 270 4.85 -6.36 -15.33
C VAL A 270 5.68 -6.98 -16.50
N GLU A 271 5.29 -8.17 -16.98
CA GLU A 271 5.99 -8.78 -18.12
C GLU A 271 5.83 -7.87 -19.33
N ALA A 272 4.60 -7.43 -19.60
CA ALA A 272 4.29 -6.52 -20.69
C ALA A 272 4.91 -5.13 -20.41
N ALA A 273 4.81 -4.63 -19.14
CA ALA A 273 5.38 -3.34 -18.74
C ALA A 273 6.90 -3.30 -18.89
N ALA A 274 7.59 -4.43 -18.62
CA ALA A 274 9.04 -4.49 -18.72
C ALA A 274 9.59 -4.91 -20.11
N GLN A 275 8.75 -4.95 -21.15
CA GLN A 275 9.18 -5.33 -22.50
C GLN A 275 10.31 -4.47 -23.14
N CYS B 21 -4.28 14.64 17.27
CA CYS B 21 -4.98 13.42 16.87
C CYS B 21 -4.47 12.85 15.54
N PRO B 22 -4.22 11.51 15.48
CA PRO B 22 -3.68 10.90 14.24
C PRO B 22 -4.61 10.97 13.02
N SER B 23 -4.11 11.60 11.96
CA SER B 23 -4.82 11.85 10.71
C SER B 23 -4.69 10.77 9.64
N ILE B 24 -3.69 9.89 9.78
CA ILE B 24 -3.42 8.86 8.76
C ILE B 24 -3.57 7.48 9.37
N CYS B 25 -4.18 6.57 8.60
CA CYS B 25 -4.38 5.16 8.98
C CYS B 25 -3.84 4.21 7.91
N PRO B 26 -3.46 2.93 8.26
CA PRO B 26 -3.06 1.99 7.21
C PRO B 26 -4.28 1.59 6.39
N LEU B 27 -4.08 1.20 5.13
CA LEU B 27 -5.21 0.84 4.29
C LEU B 27 -5.53 -0.66 4.28
N ILE B 28 -5.57 -1.23 5.49
CA ILE B 28 -5.94 -2.63 5.69
C ILE B 28 -7.47 -2.63 5.78
N TYR B 29 -8.11 -3.61 5.15
CA TYR B 29 -9.56 -3.71 5.22
C TYR B 29 -9.85 -4.78 6.26
N ALA B 30 -10.29 -4.36 7.44
CA ALA B 30 -10.64 -5.26 8.55
C ALA B 30 -11.86 -4.62 9.23
N PRO B 31 -13.04 -4.66 8.56
CA PRO B 31 -14.18 -3.89 9.08
C PRO B 31 -14.67 -4.27 10.45
N VAL B 32 -15.13 -3.24 11.17
CA VAL B 32 -15.61 -3.32 12.55
C VAL B 32 -16.90 -2.52 12.70
N CYS B 33 -17.84 -3.09 13.44
CA CYS B 33 -19.13 -2.46 13.67
C CYS B 33 -19.16 -1.75 15.02
N VAL B 34 -19.61 -0.47 15.03
CA VAL B 34 -19.72 0.34 16.24
C VAL B 34 -21.13 0.91 16.39
N GLU B 35 -21.50 1.23 17.63
CA GLU B 35 -22.76 1.87 17.98
C GLU B 35 -22.41 3.22 18.53
N ASP B 36 -22.99 4.27 17.92
CA ASP B 36 -22.80 5.66 18.29
C ASP B 36 -23.69 5.99 19.53
N SER B 37 -23.48 7.19 20.11
CA SER B 37 -24.22 7.75 21.24
C SER B 37 -25.71 7.93 20.88
N ASN B 38 -26.01 8.18 19.59
CA ASN B 38 -27.38 8.37 19.08
C ASN B 38 -28.03 7.03 18.73
N GLN B 39 -27.39 5.91 19.12
CA GLN B 39 -27.84 4.52 18.92
C GLN B 39 -27.93 4.07 17.43
N ASP B 40 -27.06 4.66 16.59
CA ASP B 40 -26.94 4.30 15.16
C ASP B 40 -25.70 3.40 14.96
N PHE B 41 -25.77 2.45 14.01
CA PHE B 41 -24.69 1.51 13.72
C PHE B 41 -23.89 1.87 12.45
N TYR B 42 -22.55 1.97 12.59
CA TYR B 42 -21.63 2.32 11.51
C TYR B 42 -20.54 1.28 11.35
N LEU B 43 -20.36 0.76 10.12
CA LEU B 43 -19.29 -0.19 9.80
C LEU B 43 -18.10 0.62 9.28
N PHE B 44 -17.00 0.65 10.04
CA PHE B 44 -15.80 1.39 9.65
C PHE B 44 -14.83 0.42 8.96
N VAL B 45 -13.98 0.92 8.04
CA VAL B 45 -13.04 0.06 7.31
C VAL B 45 -12.05 -0.72 8.21
N ASN B 46 -11.72 -0.15 9.38
CA ASN B 46 -10.85 -0.75 10.41
C ASN B 46 -10.93 0.02 11.71
N GLU B 47 -10.33 -0.56 12.79
CA GLU B 47 -10.29 0.07 14.11
C GLU B 47 -9.57 1.40 14.09
N CYS B 48 -8.48 1.57 13.28
CA CYS B 48 -7.78 2.85 13.21
C CYS B 48 -8.72 3.99 12.83
N GLU B 49 -9.59 3.78 11.84
CA GLU B 49 -10.54 4.80 11.38
C GLU B 49 -11.58 5.17 12.45
N VAL B 50 -12.03 4.18 13.25
CA VAL B 50 -12.98 4.42 14.36
C VAL B 50 -12.31 5.35 15.38
N ARG B 51 -11.06 5.03 15.78
CA ARG B 51 -10.27 5.78 16.75
C ARG B 51 -10.01 7.22 16.30
N LYS B 52 -9.78 7.40 14.98
CA LYS B 52 -9.51 8.71 14.36
C LYS B 52 -10.75 9.60 14.53
N CYS B 53 -11.94 9.06 14.20
CA CYS B 53 -13.25 9.70 14.31
C CYS B 53 -13.50 10.15 15.76
N GLY B 54 -13.23 9.26 16.71
CA GLY B 54 -13.36 9.54 18.14
C GLY B 54 -12.48 10.66 18.66
N CYS B 55 -11.21 10.69 18.22
CA CYS B 55 -10.20 11.67 18.60
C CYS B 55 -10.44 13.07 18.00
N GLU B 56 -10.57 13.15 16.67
CA GLU B 56 -10.72 14.39 15.89
C GLU B 56 -12.04 15.09 16.09
N ALA B 57 -13.13 14.32 16.06
CA ALA B 57 -14.50 14.84 16.13
C ALA B 57 -15.18 14.78 17.51
N GLY B 58 -14.58 14.03 18.44
CA GLY B 58 -15.15 13.83 19.77
C GLY B 58 -16.31 12.84 19.72
N PHE B 59 -16.26 11.92 18.75
CA PHE B 59 -17.26 10.87 18.47
C PHE B 59 -17.20 9.77 19.54
N VAL B 60 -18.39 9.36 20.05
CA VAL B 60 -18.59 8.37 21.13
C VAL B 60 -19.14 7.04 20.57
N TYR B 61 -18.40 5.95 20.78
CA TYR B 61 -18.82 4.66 20.23
C TYR B 61 -18.52 3.47 21.17
N THR B 62 -19.07 2.34 20.85
CA THR B 62 -18.82 1.06 21.49
C THR B 62 -18.85 0.00 20.41
N PHE B 63 -17.91 -0.95 20.45
CA PHE B 63 -17.92 -2.07 19.50
C PHE B 63 -19.09 -2.99 19.84
N VAL B 64 -19.71 -3.54 18.80
CA VAL B 64 -20.86 -4.45 18.86
C VAL B 64 -20.64 -5.55 17.82
N PRO B 65 -21.34 -6.72 17.87
CA PRO B 65 -21.16 -7.73 16.81
C PRO B 65 -21.51 -7.17 15.43
N ARG B 66 -20.81 -7.65 14.40
CA ARG B 66 -20.93 -7.24 13.00
C ARG B 66 -22.39 -7.21 12.49
N GLU B 67 -23.21 -8.20 12.91
CA GLU B 67 -24.63 -8.38 12.55
C GLU B 67 -25.50 -7.14 12.77
N MET B 68 -25.10 -6.24 13.69
CA MET B 68 -25.83 -5.00 13.99
C MET B 68 -25.70 -3.98 12.86
N CYS B 69 -24.64 -4.11 12.03
CA CYS B 69 -24.30 -3.21 10.94
C CYS B 69 -24.81 -3.67 9.58
N LYS B 70 -24.87 -2.70 8.64
CA LYS B 70 -25.17 -2.94 7.22
C LYS B 70 -23.88 -3.53 6.64
N ALA B 71 -23.97 -4.29 5.52
CA ALA B 71 -22.81 -4.94 4.89
C ALA B 71 -21.79 -3.99 4.24
N THR B 72 -22.12 -2.68 4.14
CA THR B 72 -21.30 -1.63 3.56
C THR B 72 -20.74 -0.69 4.64
N THR B 73 -19.61 -0.04 4.31
CA THR B 73 -18.91 0.85 5.21
C THR B 73 -19.38 2.29 5.15
N SER B 74 -19.21 3.01 6.27
CA SER B 74 -19.59 4.41 6.38
C SER B 74 -18.38 5.22 6.82
N LEU B 75 -18.38 6.51 6.50
CA LEU B 75 -17.32 7.41 6.92
C LEU B 75 -17.70 8.05 8.23
N CYS B 76 -16.75 8.72 8.90
CA CYS B 76 -16.96 9.39 10.19
C CYS B 76 -18.16 10.36 10.14
N PRO B 77 -19.26 10.07 10.89
CA PRO B 77 -20.41 10.98 10.87
C PRO B 77 -20.25 12.13 11.86
#